data_5EW3
#
_entry.id   5EW3
#
_cell.length_a   67.500
_cell.length_b   55.760
_cell.length_c   89.760
_cell.angle_alpha   90.000
_cell.angle_beta   92.280
_cell.angle_gamma   90.000
#
_symmetry.space_group_name_H-M   'P 1 21 1'
#
loop_
_entity.id
_entity.type
_entity.pdbx_description
1 polymer 'Vascular endothelial growth factor receptor 2'
2 non-polymer 2-(pyridin-4-ylmethylamino)-~{N}-[3-(trifluoromethyl)phenyl]benzamide
3 water water
#
_entity_poly.entity_id   1
_entity_poly.type   'polypeptide(L)'
_entity_poly.pdbx_seq_one_letter_code
;MDPDELPLDEHCERLPYDASKWEFPRDRLKLGKPLGRGAFGQVIEADAFGIDKTATCRTVAVKMLKEGATHSEHRALMSE
LKILIHIGHHLNVVNLLGACTKPGGPLMVIVEFCKFGNLSTYLRSKRNEFVPYKVAPEDLYKDFLTLEHLICYSFQVAKG
MEFLASRKCIHRDLAARNILLSEKNVVKICDFGLARDIYKDPDYVRKGDARLPLKWMAPETIFDRVYTIQSDVWSFGVLL
WEIFSLGASPYPGVKIDEEFCRRLKEGTRMRAPDYTTPEMYQTMLDCWHGEPSQRPTFSELVEHLGNLLQANAQQD
;
_entity_poly.pdbx_strand_id   A,B
#
# COMPACT_ATOMS: atom_id res chain seq x y z
N PRO A 16 9.30 11.43 -31.41
CA PRO A 16 7.86 11.60 -31.14
C PRO A 16 7.03 10.34 -31.42
N TYR A 17 5.93 10.18 -30.66
CA TYR A 17 5.01 9.04 -30.74
C TYR A 17 3.96 9.19 -31.85
N ASP A 18 3.88 8.18 -32.75
CA ASP A 18 2.94 8.12 -33.86
C ASP A 18 1.67 7.40 -33.37
N ALA A 19 0.62 8.17 -33.08
CA ALA A 19 -0.66 7.67 -32.58
C ALA A 19 -1.44 6.87 -33.62
N SER A 20 -1.57 7.41 -34.85
CA SER A 20 -2.29 6.80 -35.97
C SER A 20 -1.83 5.38 -36.28
N LYS A 21 -0.56 5.08 -35.98
CA LYS A 21 0.09 3.80 -36.21
C LYS A 21 0.03 2.84 -35.01
N TRP A 22 0.19 3.35 -33.77
CA TRP A 22 0.30 2.49 -32.58
C TRP A 22 -0.82 2.55 -31.53
N GLU A 23 -1.73 3.55 -31.57
CA GLU A 23 -2.80 3.64 -30.58
C GLU A 23 -3.85 2.55 -30.76
N PHE A 24 -4.20 1.86 -29.66
CA PHE A 24 -5.19 0.78 -29.64
C PHE A 24 -6.28 1.03 -28.57
N PRO A 25 -7.57 0.82 -28.89
CA PRO A 25 -8.63 1.10 -27.91
C PRO A 25 -8.71 0.08 -26.77
N ARG A 26 -8.72 0.56 -25.52
CA ARG A 26 -8.79 -0.24 -24.29
C ARG A 26 -10.01 -1.17 -24.25
N ASP A 27 -11.14 -0.74 -24.84
CA ASP A 27 -12.39 -1.49 -24.91
C ASP A 27 -12.28 -2.74 -25.81
N ARG A 28 -11.36 -2.71 -26.79
CA ARG A 28 -11.09 -3.81 -27.72
C ARG A 28 -10.03 -4.80 -27.17
N LEU A 29 -9.79 -4.76 -25.84
CA LEU A 29 -8.84 -5.59 -25.12
C LEU A 29 -9.55 -6.31 -23.96
N LYS A 30 -9.33 -7.63 -23.83
CA LYS A 30 -9.92 -8.47 -22.79
C LYS A 30 -8.77 -9.09 -21.99
N LEU A 31 -8.43 -8.46 -20.85
CA LEU A 31 -7.34 -8.91 -19.96
C LEU A 31 -7.64 -10.29 -19.34
N GLY A 32 -6.59 -11.07 -19.11
CA GLY A 32 -6.72 -12.40 -18.55
C GLY A 32 -5.64 -12.79 -17.57
N LYS A 33 -5.09 -14.00 -17.77
CA LYS A 33 -4.07 -14.66 -16.96
C LYS A 33 -2.74 -13.88 -16.84
N PRO A 34 -2.23 -13.67 -15.61
CA PRO A 34 -0.92 -13.00 -15.45
C PRO A 34 0.25 -13.88 -15.90
N LEU A 35 1.37 -13.25 -16.28
CA LEU A 35 2.58 -13.93 -16.76
C LEU A 35 3.82 -13.55 -15.94
N GLY A 36 3.83 -12.33 -15.41
CA GLY A 36 4.92 -11.78 -14.59
C GLY A 36 4.48 -10.59 -13.78
N ARG A 37 5.11 -10.39 -12.61
CA ARG A 37 4.78 -9.27 -11.72
C ARG A 37 6.03 -8.57 -11.18
N GLY A 38 6.09 -7.26 -11.38
CA GLY A 38 7.17 -6.39 -10.92
C GLY A 38 6.65 -5.28 -10.02
N ALA A 39 7.52 -4.32 -9.66
CA ALA A 39 7.14 -3.18 -8.81
C ALA A 39 6.40 -2.10 -9.62
N PHE A 40 6.69 -2.03 -10.93
CA PHE A 40 6.11 -1.10 -11.91
C PHE A 40 4.63 -1.41 -12.16
N GLY A 41 4.32 -2.70 -12.23
CA GLY A 41 3.00 -3.23 -12.52
C GLY A 41 3.06 -4.72 -12.75
N GLN A 42 2.58 -5.17 -13.92
CA GLN A 42 2.50 -6.60 -14.27
C GLN A 42 2.38 -6.87 -15.79
N VAL A 43 2.77 -8.10 -16.20
CA VAL A 43 2.66 -8.59 -17.58
C VAL A 43 1.46 -9.55 -17.58
N ILE A 44 0.46 -9.29 -18.41
CA ILE A 44 -0.73 -10.14 -18.45
C ILE A 44 -1.03 -10.58 -19.86
N GLU A 45 -1.69 -11.73 -19.99
CA GLU A 45 -2.14 -12.31 -21.25
C GLU A 45 -3.51 -11.69 -21.56
N ALA A 46 -3.75 -11.29 -22.81
CA ALA A 46 -5.03 -10.69 -23.21
C ALA A 46 -5.41 -11.01 -24.65
N ASP A 47 -6.69 -10.79 -25.01
CA ASP A 47 -7.19 -10.98 -26.37
C ASP A 47 -7.47 -9.60 -26.97
N ALA A 48 -6.79 -9.29 -28.08
CA ALA A 48 -6.91 -8.03 -28.78
C ALA A 48 -7.72 -8.24 -30.04
N PHE A 49 -8.87 -7.56 -30.13
CA PHE A 49 -9.80 -7.66 -31.26
C PHE A 49 -9.51 -6.62 -32.34
N GLY A 50 -9.04 -7.09 -33.49
CA GLY A 50 -8.72 -6.24 -34.64
C GLY A 50 -7.47 -5.41 -34.50
N ILE A 51 -6.43 -5.95 -33.86
CA ILE A 51 -5.15 -5.25 -33.70
C ILE A 51 -4.34 -5.32 -35.00
N ASP A 52 -4.60 -6.34 -35.85
CA ASP A 52 -3.91 -6.54 -37.11
C ASP A 52 -4.64 -5.88 -38.30
N LYS A 53 -5.05 -4.59 -38.12
CA LYS A 53 -5.78 -3.76 -39.10
C LYS A 53 -6.96 -4.52 -39.77
N THR A 54 -7.53 -5.50 -39.03
CA THR A 54 -8.62 -6.36 -39.47
C THR A 54 -9.75 -6.47 -38.41
N ALA A 55 -10.42 -7.65 -38.33
CA ALA A 55 -11.52 -7.92 -37.40
C ALA A 55 -11.31 -9.26 -36.65
N THR A 56 -10.07 -9.78 -36.70
CA THR A 56 -9.68 -11.05 -36.06
C THR A 56 -9.44 -10.90 -34.55
N CYS A 57 -9.18 -12.02 -33.86
CA CYS A 57 -8.85 -12.03 -32.44
C CYS A 57 -7.44 -12.58 -32.30
N ARG A 58 -6.56 -11.84 -31.63
CA ARG A 58 -5.18 -12.23 -31.43
C ARG A 58 -4.83 -12.23 -29.95
N THR A 59 -4.12 -13.27 -29.49
CA THR A 59 -3.65 -13.34 -28.10
C THR A 59 -2.37 -12.50 -28.02
N VAL A 60 -2.32 -11.58 -27.05
CA VAL A 60 -1.24 -10.62 -26.86
C VAL A 60 -0.72 -10.58 -25.43
N ALA A 61 0.49 -10.04 -25.25
CA ALA A 61 1.09 -9.84 -23.93
C ALA A 61 1.04 -8.33 -23.66
N VAL A 62 0.48 -7.95 -22.51
CA VAL A 62 0.29 -6.54 -22.16
C VAL A 62 1.08 -6.17 -20.90
N LYS A 63 1.89 -5.11 -20.99
CA LYS A 63 2.62 -4.59 -19.84
C LYS A 63 1.86 -3.36 -19.38
N MET A 64 1.29 -3.38 -18.18
CA MET A 64 0.51 -2.26 -17.68
C MET A 64 0.91 -1.79 -16.28
N LEU A 65 0.69 -0.48 -16.02
CA LEU A 65 0.99 0.15 -14.74
C LEU A 65 -0.14 -0.08 -13.74
N LYS A 66 0.22 -0.20 -12.46
CA LYS A 66 -0.74 -0.33 -11.37
C LYS A 66 -1.38 1.05 -11.12
N GLU A 67 -2.56 1.08 -10.47
CA GLU A 67 -3.29 2.33 -10.19
C GLU A 67 -2.44 3.36 -9.44
N GLY A 68 -1.68 2.91 -8.45
CA GLY A 68 -0.76 3.76 -7.71
C GLY A 68 0.56 3.76 -8.45
N ALA A 69 0.72 4.65 -9.45
CA ALA A 69 2.00 4.62 -10.16
C ALA A 69 2.79 5.92 -10.09
N THR A 70 4.11 5.73 -9.94
CA THR A 70 5.14 6.75 -9.87
C THR A 70 5.28 7.38 -11.27
N HIS A 71 5.63 8.67 -11.31
CA HIS A 71 5.85 9.42 -12.55
C HIS A 71 7.11 8.83 -13.24
N SER A 72 8.06 8.31 -12.44
CA SER A 72 9.29 7.65 -12.88
C SER A 72 8.94 6.30 -13.54
N GLU A 73 7.89 5.61 -13.04
CA GLU A 73 7.40 4.34 -13.57
C GLU A 73 6.72 4.56 -14.91
N HIS A 74 5.93 5.65 -15.05
CA HIS A 74 5.25 6.04 -16.28
C HIS A 74 6.27 6.41 -17.36
N ARG A 75 7.37 7.08 -16.97
CA ARG A 75 8.45 7.47 -17.88
C ARG A 75 9.16 6.22 -18.39
N ALA A 76 9.39 5.23 -17.49
CA ALA A 76 10.05 3.96 -17.80
C ALA A 76 9.26 3.14 -18.84
N LEU A 77 7.93 3.01 -18.66
CA LEU A 77 7.07 2.28 -19.59
C LEU A 77 6.94 3.01 -20.93
N MET A 78 6.95 4.36 -20.90
CA MET A 78 6.90 5.19 -22.10
C MET A 78 8.21 5.09 -22.88
N SER A 79 9.35 4.99 -22.16
CA SER A 79 10.68 4.82 -22.75
C SER A 79 10.73 3.47 -23.45
N GLU A 80 10.22 2.43 -22.80
CA GLU A 80 10.19 1.09 -23.37
C GLU A 80 9.36 1.04 -24.65
N LEU A 81 8.23 1.72 -24.64
CA LEU A 81 7.40 1.85 -25.83
C LEU A 81 8.17 2.52 -26.98
N LYS A 82 8.95 3.58 -26.67
CA LYS A 82 9.76 4.31 -27.64
C LYS A 82 10.88 3.43 -28.18
N ILE A 83 11.54 2.67 -27.29
CA ILE A 83 12.61 1.73 -27.63
C ILE A 83 12.06 0.65 -28.57
N LEU A 84 10.84 0.12 -28.29
CA LEU A 84 10.18 -0.89 -29.11
C LEU A 84 9.77 -0.38 -30.49
N ILE A 85 9.34 0.91 -30.58
CA ILE A 85 8.97 1.57 -31.85
C ILE A 85 10.25 1.69 -32.69
N HIS A 86 11.36 2.07 -32.05
CA HIS A 86 12.68 2.23 -32.66
C HIS A 86 13.26 0.92 -33.17
N ILE A 87 13.17 -0.17 -32.37
CA ILE A 87 13.67 -1.51 -32.73
C ILE A 87 13.09 -1.98 -34.09
N GLY A 88 11.77 -1.99 -34.19
CA GLY A 88 11.06 -2.45 -35.38
C GLY A 88 10.82 -3.95 -35.33
N HIS A 89 10.54 -4.54 -36.49
CA HIS A 89 10.28 -5.97 -36.58
C HIS A 89 11.50 -6.80 -36.95
N HIS A 90 11.66 -7.92 -36.22
CA HIS A 90 12.64 -8.98 -36.43
C HIS A 90 12.03 -10.27 -35.85
N LEU A 91 12.24 -11.40 -36.53
CA LEU A 91 11.70 -12.72 -36.16
C LEU A 91 12.15 -13.24 -34.79
N ASN A 92 13.35 -12.84 -34.33
CA ASN A 92 13.91 -13.30 -33.05
C ASN A 92 13.85 -12.26 -31.93
N VAL A 93 12.97 -11.25 -32.07
CA VAL A 93 12.73 -10.18 -31.11
C VAL A 93 11.20 -10.06 -30.99
N VAL A 94 10.65 -9.90 -29.77
CA VAL A 94 9.21 -9.74 -29.57
C VAL A 94 8.71 -8.50 -30.33
N ASN A 95 7.62 -8.65 -31.08
CA ASN A 95 7.09 -7.59 -31.93
C ASN A 95 5.99 -6.75 -31.28
N LEU A 96 6.14 -5.41 -31.34
CA LEU A 96 5.19 -4.44 -30.82
C LEU A 96 3.98 -4.39 -31.75
N LEU A 97 2.77 -4.48 -31.17
CA LEU A 97 1.53 -4.46 -31.95
C LEU A 97 0.70 -3.20 -31.71
N GLY A 98 0.85 -2.60 -30.53
CA GLY A 98 0.11 -1.40 -30.17
C GLY A 98 0.42 -0.85 -28.78
N ALA A 99 -0.34 0.17 -28.37
CA ALA A 99 -0.23 0.85 -27.08
C ALA A 99 -1.50 1.59 -26.71
N CYS A 100 -1.73 1.75 -25.41
CA CYS A 100 -2.84 2.49 -24.84
C CYS A 100 -2.19 3.62 -24.02
N THR A 101 -1.97 4.79 -24.67
CA THR A 101 -1.30 5.96 -24.08
C THR A 101 -2.26 7.12 -23.79
N LYS A 102 -3.36 7.22 -24.56
CA LYS A 102 -4.39 8.25 -24.42
C LYS A 102 -5.08 8.19 -23.06
N PRO A 103 -5.55 9.34 -22.49
CA PRO A 103 -6.22 9.28 -21.17
C PRO A 103 -7.52 8.48 -21.16
N GLY A 104 -7.93 8.06 -19.97
CA GLY A 104 -9.15 7.25 -19.79
C GLY A 104 -8.89 5.91 -19.14
N GLY A 105 -7.61 5.55 -19.01
CA GLY A 105 -7.16 4.31 -18.40
C GLY A 105 -5.67 4.28 -18.15
N PRO A 106 -5.11 3.13 -17.73
CA PRO A 106 -3.66 3.07 -17.49
C PRO A 106 -2.85 2.92 -18.76
N LEU A 107 -1.53 3.16 -18.67
CA LEU A 107 -0.58 3.04 -19.77
C LEU A 107 -0.32 1.55 -20.02
N MET A 108 -0.55 1.12 -21.26
CA MET A 108 -0.39 -0.27 -21.70
C MET A 108 0.51 -0.36 -22.91
N VAL A 109 1.40 -1.39 -22.94
CA VAL A 109 2.32 -1.66 -24.06
C VAL A 109 2.01 -3.08 -24.54
N ILE A 110 1.49 -3.20 -25.76
CA ILE A 110 1.04 -4.45 -26.38
C ILE A 110 2.06 -5.05 -27.35
N VAL A 111 2.46 -6.31 -27.07
CA VAL A 111 3.39 -7.09 -27.91
C VAL A 111 2.77 -8.44 -28.31
N GLU A 112 3.36 -9.16 -29.29
CA GLU A 112 2.91 -10.50 -29.69
C GLU A 112 3.13 -11.49 -28.53
N PHE A 113 2.19 -12.40 -28.34
CA PHE A 113 2.27 -13.38 -27.26
C PHE A 113 3.14 -14.59 -27.65
N CYS A 114 3.89 -15.07 -26.66
CA CYS A 114 4.73 -16.26 -26.73
C CYS A 114 4.16 -17.33 -25.80
N LYS A 115 3.42 -18.24 -26.40
CA LYS A 115 2.67 -19.32 -25.76
C LYS A 115 3.47 -20.28 -24.87
N PHE A 116 4.69 -20.69 -25.29
CA PHE A 116 5.44 -21.72 -24.59
C PHE A 116 6.35 -21.25 -23.45
N GLY A 117 6.34 -19.95 -23.16
CA GLY A 117 7.10 -19.38 -22.06
C GLY A 117 8.60 -19.30 -22.30
N ASN A 118 9.35 -19.06 -21.21
CA ASN A 118 10.79 -18.89 -21.25
C ASN A 118 11.54 -20.20 -21.55
N LEU A 119 12.69 -20.08 -22.23
CA LEU A 119 13.56 -21.17 -22.65
C LEU A 119 14.13 -22.00 -21.49
N SER A 120 14.49 -21.36 -20.36
CA SER A 120 15.02 -22.04 -19.18
C SER A 120 14.03 -23.09 -18.65
N THR A 121 12.75 -22.67 -18.42
CA THR A 121 11.66 -23.53 -17.94
C THR A 121 11.35 -24.64 -18.96
N TYR A 122 11.40 -24.32 -20.27
CA TYR A 122 11.15 -25.28 -21.34
C TYR A 122 12.23 -26.37 -21.42
N LEU A 123 13.51 -25.99 -21.39
CA LEU A 123 14.64 -26.92 -21.49
C LEU A 123 14.72 -27.88 -20.30
N ARG A 124 14.34 -27.41 -19.09
CA ARG A 124 14.32 -28.21 -17.87
C ARG A 124 13.26 -29.32 -17.97
N SER A 125 12.13 -29.03 -18.66
CA SER A 125 11.03 -29.97 -18.88
C SER A 125 11.33 -30.99 -19.99
N LYS A 126 12.48 -30.85 -20.67
CA LYS A 126 12.87 -31.72 -21.78
C LYS A 126 14.19 -32.46 -21.55
N ARG A 127 14.65 -32.54 -20.28
CA ARG A 127 15.87 -33.26 -19.89
C ARG A 127 15.75 -34.77 -20.10
N ASN A 128 14.54 -35.34 -19.86
CA ASN A 128 14.27 -36.77 -20.09
C ASN A 128 14.05 -37.04 -21.59
N GLU A 129 13.89 -35.96 -22.38
CA GLU A 129 13.63 -36.01 -23.83
C GLU A 129 14.79 -35.42 -24.64
N PHE A 130 16.00 -35.97 -24.43
CA PHE A 130 17.20 -35.53 -25.15
C PHE A 130 18.00 -36.69 -25.70
N VAL A 131 18.41 -36.56 -26.97
CA VAL A 131 19.26 -37.47 -27.76
C VAL A 131 20.18 -36.52 -28.58
N PRO A 132 21.51 -36.73 -28.68
CA PRO A 132 22.37 -35.78 -29.42
C PRO A 132 22.01 -35.55 -30.89
N TYR A 133 21.49 -36.60 -31.55
CA TYR A 133 21.08 -36.60 -32.96
C TYR A 133 20.17 -37.78 -33.28
N LYS A 134 19.34 -37.63 -34.32
CA LYS A 134 18.42 -38.66 -34.79
C LYS A 134 18.98 -39.19 -36.12
N VAL A 135 19.20 -40.52 -36.19
CA VAL A 135 19.79 -41.19 -37.36
C VAL A 135 18.71 -41.70 -38.34
N LYS A 142 11.07 -38.05 -31.17
CA LYS A 142 9.71 -37.58 -31.39
C LYS A 142 9.60 -36.12 -30.90
N ASP A 143 9.06 -35.90 -29.68
CA ASP A 143 8.99 -34.58 -29.04
C ASP A 143 10.29 -34.49 -28.22
N PHE A 144 11.44 -34.51 -28.92
CA PHE A 144 12.76 -34.57 -28.32
C PHE A 144 13.69 -33.46 -28.80
N LEU A 145 14.57 -33.01 -27.90
CA LEU A 145 15.59 -32.02 -28.22
C LEU A 145 16.82 -32.74 -28.70
N THR A 146 17.55 -32.12 -29.63
CA THR A 146 18.81 -32.63 -30.16
C THR A 146 19.84 -31.51 -30.02
N LEU A 147 21.10 -31.77 -30.41
CA LEU A 147 22.15 -30.75 -30.37
C LEU A 147 21.82 -29.65 -31.37
N GLU A 148 21.20 -30.05 -32.51
CA GLU A 148 20.78 -29.14 -33.57
C GLU A 148 19.80 -28.09 -33.02
N HIS A 149 18.85 -28.52 -32.15
CA HIS A 149 17.87 -27.65 -31.50
C HIS A 149 18.56 -26.60 -30.63
N LEU A 150 19.51 -27.02 -29.77
CA LEU A 150 20.25 -26.17 -28.86
C LEU A 150 21.12 -25.15 -29.60
N ILE A 151 21.75 -25.58 -30.71
CA ILE A 151 22.58 -24.72 -31.55
C ILE A 151 21.67 -23.73 -32.29
N CYS A 152 20.49 -24.21 -32.74
CA CYS A 152 19.51 -23.37 -33.42
C CYS A 152 18.97 -22.25 -32.53
N TYR A 153 18.63 -22.57 -31.26
CA TYR A 153 18.14 -21.56 -30.31
C TYR A 153 19.22 -20.50 -30.07
N SER A 154 20.48 -20.94 -29.90
CA SER A 154 21.65 -20.10 -29.68
C SER A 154 21.83 -19.13 -30.86
N PHE A 155 21.73 -19.68 -32.08
CA PHE A 155 21.84 -18.99 -33.37
C PHE A 155 20.78 -17.91 -33.50
N GLN A 156 19.52 -18.25 -33.16
CA GLN A 156 18.38 -17.34 -33.21
C GLN A 156 18.53 -16.16 -32.25
N VAL A 157 19.03 -16.42 -31.03
CA VAL A 157 19.27 -15.37 -30.03
C VAL A 157 20.36 -14.43 -30.54
N ALA A 158 21.47 -14.99 -31.08
CA ALA A 158 22.58 -14.23 -31.64
C ALA A 158 22.07 -13.29 -32.74
N LYS A 159 21.17 -13.79 -33.62
CA LYS A 159 20.57 -13.02 -34.73
C LYS A 159 19.74 -11.85 -34.23
N GLY A 160 18.92 -12.08 -33.20
CA GLY A 160 18.09 -11.06 -32.58
C GLY A 160 18.93 -10.01 -31.87
N MET A 161 20.04 -10.45 -31.23
CA MET A 161 20.98 -9.56 -30.53
C MET A 161 21.79 -8.74 -31.54
N GLU A 162 22.13 -9.35 -32.71
CA GLU A 162 22.82 -8.66 -33.81
C GLU A 162 21.90 -7.55 -34.36
N PHE A 163 20.58 -7.82 -34.43
CA PHE A 163 19.59 -6.84 -34.88
C PHE A 163 19.46 -5.69 -33.88
N LEU A 164 19.40 -6.00 -32.56
CA LEU A 164 19.32 -4.99 -31.50
C LEU A 164 20.55 -4.09 -31.49
N ALA A 165 21.75 -4.66 -31.77
CA ALA A 165 23.02 -3.93 -31.88
C ALA A 165 22.99 -2.97 -33.08
N SER A 166 22.41 -3.41 -34.22
CA SER A 166 22.27 -2.61 -35.44
C SER A 166 21.30 -1.44 -35.26
N ARG A 167 20.40 -1.53 -34.25
CA ARG A 167 19.43 -0.49 -33.90
C ARG A 167 20.00 0.35 -32.74
N LYS A 168 21.27 0.09 -32.39
CA LYS A 168 22.03 0.74 -31.30
C LYS A 168 21.30 0.63 -29.95
N CYS A 169 20.90 -0.61 -29.63
CA CYS A 169 20.22 -0.95 -28.38
C CYS A 169 21.04 -1.94 -27.58
N ILE A 170 20.97 -1.81 -26.25
CA ILE A 170 21.64 -2.70 -25.28
C ILE A 170 20.51 -3.31 -24.44
N HIS A 171 20.50 -4.66 -24.32
CA HIS A 171 19.46 -5.38 -23.60
C HIS A 171 19.40 -5.08 -22.09
N ARG A 172 20.53 -5.17 -21.37
CA ARG A 172 20.69 -4.94 -19.91
C ARG A 172 20.33 -6.17 -19.03
N ASP A 173 19.52 -7.11 -19.56
CA ASP A 173 19.12 -8.33 -18.84
C ASP A 173 18.98 -9.54 -19.78
N LEU A 174 20.08 -9.87 -20.49
CA LEU A 174 20.09 -11.01 -21.40
C LEU A 174 20.33 -12.32 -20.62
N ALA A 175 19.26 -13.11 -20.47
CA ALA A 175 19.18 -14.37 -19.72
C ALA A 175 18.08 -15.23 -20.31
N ALA A 176 18.13 -16.56 -20.07
CA ALA A 176 17.16 -17.54 -20.58
C ALA A 176 15.71 -17.23 -20.18
N ARG A 177 15.51 -16.61 -18.99
CA ARG A 177 14.18 -16.16 -18.50
C ARG A 177 13.61 -15.06 -19.42
N ASN A 178 14.46 -14.38 -20.20
CA ASN A 178 14.04 -13.34 -21.14
C ASN A 178 14.03 -13.83 -22.59
N ILE A 179 14.23 -15.14 -22.78
CA ILE A 179 14.18 -15.75 -24.10
C ILE A 179 12.90 -16.57 -24.14
N LEU A 180 11.96 -16.17 -24.99
CA LEU A 180 10.68 -16.85 -25.07
C LEU A 180 10.54 -17.72 -26.28
N LEU A 181 9.80 -18.80 -26.11
CA LEU A 181 9.57 -19.77 -27.15
C LEU A 181 8.16 -19.66 -27.73
N SER A 182 8.12 -19.58 -29.06
CA SER A 182 6.90 -19.52 -29.87
C SER A 182 6.80 -20.82 -30.68
N GLU A 183 5.83 -20.89 -31.59
CA GLU A 183 5.59 -22.04 -32.45
C GLU A 183 6.72 -22.21 -33.46
N LYS A 184 6.90 -23.46 -33.95
CA LYS A 184 7.90 -23.87 -34.96
C LYS A 184 9.34 -23.64 -34.50
N ASN A 185 9.61 -23.95 -33.20
CA ASN A 185 10.90 -23.83 -32.50
C ASN A 185 11.56 -22.44 -32.66
N VAL A 186 10.73 -21.37 -32.74
CA VAL A 186 11.16 -19.99 -32.91
C VAL A 186 11.29 -19.36 -31.54
N VAL A 187 12.48 -18.83 -31.26
CA VAL A 187 12.78 -18.14 -30.00
C VAL A 187 12.84 -16.62 -30.27
N LYS A 188 12.29 -15.83 -29.32
CA LYS A 188 12.21 -14.37 -29.38
C LYS A 188 12.75 -13.74 -28.11
N ILE A 189 13.62 -12.74 -28.28
CA ILE A 189 14.19 -11.96 -27.17
C ILE A 189 13.10 -11.00 -26.68
N CYS A 190 12.93 -10.94 -25.36
CA CYS A 190 11.96 -10.08 -24.71
C CYS A 190 12.61 -9.47 -23.45
N ASP A 191 11.84 -8.65 -22.70
CA ASP A 191 12.26 -8.09 -21.43
C ASP A 191 11.06 -7.95 -20.52
N PHE A 192 11.01 -8.75 -19.43
CA PHE A 192 9.93 -8.70 -18.45
C PHE A 192 9.99 -7.46 -17.57
N GLY A 193 11.20 -7.01 -17.23
CA GLY A 193 11.41 -5.82 -16.42
C GLY A 193 11.19 -4.54 -17.20
N LEU A 212 21.56 -6.19 -9.77
CA LEU A 212 20.74 -7.28 -9.24
C LEU A 212 21.04 -8.64 -9.92
N PRO A 213 20.93 -8.84 -11.27
CA PRO A 213 21.26 -10.17 -11.84
C PRO A 213 22.77 -10.37 -12.04
N LEU A 214 23.51 -10.42 -10.93
CA LEU A 214 24.96 -10.55 -10.84
C LEU A 214 25.60 -11.71 -11.64
N LYS A 215 24.91 -12.86 -11.75
CA LYS A 215 25.40 -14.05 -12.46
C LYS A 215 25.55 -13.83 -13.97
N TRP A 216 24.73 -12.96 -14.55
CA TRP A 216 24.71 -12.66 -15.98
C TRP A 216 25.52 -11.38 -16.32
N MET A 217 25.93 -10.63 -15.28
CA MET A 217 26.64 -9.36 -15.39
C MET A 217 28.13 -9.49 -15.67
N ALA A 218 28.62 -8.69 -16.64
CA ALA A 218 30.02 -8.62 -17.05
C ALA A 218 30.85 -7.94 -15.95
N PRO A 219 32.17 -8.21 -15.82
CA PRO A 219 32.96 -7.56 -14.75
C PRO A 219 32.95 -6.03 -14.77
N GLU A 220 33.00 -5.42 -15.98
CA GLU A 220 32.96 -3.95 -16.12
C GLU A 220 31.61 -3.35 -15.72
N THR A 221 30.55 -4.18 -15.72
CA THR A 221 29.21 -3.76 -15.34
C THR A 221 29.08 -3.80 -13.80
N ILE A 222 29.70 -4.81 -13.17
CA ILE A 222 29.71 -4.97 -11.71
C ILE A 222 30.63 -3.90 -11.06
N PHE A 223 31.90 -3.86 -11.50
CA PHE A 223 32.93 -3.01 -10.93
C PHE A 223 32.96 -1.55 -11.41
N ASP A 224 32.54 -1.26 -12.65
CA ASP A 224 32.56 0.11 -13.20
C ASP A 224 31.21 0.65 -13.65
N ARG A 225 30.17 -0.22 -13.69
CA ARG A 225 28.80 0.14 -14.09
C ARG A 225 28.70 0.56 -15.54
N VAL A 226 29.55 -0.02 -16.37
CA VAL A 226 29.55 0.27 -17.79
C VAL A 226 28.66 -0.77 -18.47
N TYR A 227 27.62 -0.29 -19.19
CA TYR A 227 26.69 -1.11 -19.95
C TYR A 227 26.93 -0.86 -21.44
N THR A 228 27.48 -1.85 -22.14
CA THR A 228 27.74 -1.77 -23.59
C THR A 228 27.20 -3.03 -24.27
N ILE A 229 27.29 -3.10 -25.61
CA ILE A 229 26.86 -4.29 -26.37
C ILE A 229 27.84 -5.45 -26.10
N GLN A 230 29.08 -5.13 -25.67
CA GLN A 230 30.11 -6.10 -25.35
C GLN A 230 29.87 -6.75 -23.99
N SER A 231 29.13 -6.07 -23.09
CA SER A 231 28.76 -6.63 -21.79
C SER A 231 27.57 -7.59 -21.95
N ASP A 232 26.78 -7.41 -23.03
CA ASP A 232 25.67 -8.28 -23.42
C ASP A 232 26.23 -9.58 -24.05
N VAL A 233 27.44 -9.51 -24.64
CA VAL A 233 28.16 -10.65 -25.23
C VAL A 233 28.52 -11.60 -24.10
N TRP A 234 28.97 -11.04 -22.95
CA TRP A 234 29.29 -11.80 -21.73
C TRP A 234 28.01 -12.52 -21.26
N SER A 235 26.86 -11.80 -21.20
CA SER A 235 25.56 -12.32 -20.82
C SER A 235 25.12 -13.45 -21.75
N PHE A 236 25.39 -13.30 -23.07
CA PHE A 236 25.09 -14.30 -24.09
C PHE A 236 25.85 -15.62 -23.81
N GLY A 237 27.08 -15.49 -23.31
CA GLY A 237 27.92 -16.62 -22.91
C GLY A 237 27.31 -17.40 -21.77
N VAL A 238 26.73 -16.68 -20.78
CA VAL A 238 26.02 -17.25 -19.62
C VAL A 238 24.74 -17.93 -20.12
N LEU A 239 24.04 -17.29 -21.07
CA LEU A 239 22.85 -17.81 -21.72
C LEU A 239 23.16 -19.09 -22.51
N LEU A 240 24.35 -19.18 -23.15
CA LEU A 240 24.80 -20.38 -23.86
C LEU A 240 24.96 -21.52 -22.87
N TRP A 241 25.53 -21.21 -21.68
CA TRP A 241 25.72 -22.14 -20.60
C TRP A 241 24.35 -22.66 -20.10
N GLU A 242 23.33 -21.78 -20.03
CA GLU A 242 21.97 -22.10 -19.61
C GLU A 242 21.30 -23.06 -20.60
N ILE A 243 21.53 -22.83 -21.92
CA ILE A 243 20.99 -23.65 -23.00
C ILE A 243 21.61 -25.07 -23.00
N PHE A 244 22.95 -25.15 -22.87
CA PHE A 244 23.69 -26.42 -22.93
C PHE A 244 23.80 -27.14 -21.58
N SER A 245 23.06 -26.66 -20.57
CA SER A 245 22.94 -27.31 -19.26
C SER A 245 21.48 -27.73 -19.10
N LEU A 246 20.65 -27.42 -20.13
CA LEU A 246 19.21 -27.64 -20.24
C LEU A 246 18.41 -26.97 -19.09
N GLY A 247 18.56 -25.65 -18.98
CA GLY A 247 17.84 -24.84 -17.99
C GLY A 247 18.40 -24.79 -16.59
N ALA A 248 19.67 -25.18 -16.39
CA ALA A 248 20.29 -25.15 -15.06
C ALA A 248 20.67 -23.74 -14.67
N SER A 249 20.73 -23.48 -13.36
CA SER A 249 21.07 -22.18 -12.80
C SER A 249 22.59 -21.93 -12.88
N PRO A 250 23.06 -20.76 -13.39
CA PRO A 250 24.53 -20.52 -13.50
C PRO A 250 25.24 -20.50 -12.15
N TYR A 251 26.56 -20.85 -12.13
CA TYR A 251 27.39 -20.92 -10.92
C TYR A 251 26.69 -21.78 -9.82
N PRO A 252 26.58 -23.11 -10.03
CA PRO A 252 25.86 -23.96 -9.05
C PRO A 252 26.55 -24.06 -7.69
N GLY A 253 25.76 -23.83 -6.64
CA GLY A 253 26.20 -23.89 -5.25
C GLY A 253 27.20 -22.82 -4.85
N VAL A 254 27.48 -21.87 -5.75
CA VAL A 254 28.42 -20.76 -5.54
C VAL A 254 27.66 -19.62 -4.89
N LYS A 255 28.21 -19.11 -3.77
CA LYS A 255 27.63 -17.99 -3.02
C LYS A 255 27.87 -16.68 -3.79
N ILE A 256 26.79 -15.91 -4.07
CA ILE A 256 26.85 -14.64 -4.81
C ILE A 256 27.04 -13.46 -3.86
N ASP A 257 28.31 -13.03 -3.76
CA ASP A 257 28.69 -11.88 -2.93
C ASP A 257 29.97 -11.21 -3.45
N GLU A 258 30.77 -10.69 -2.52
CA GLU A 258 32.02 -9.99 -2.84
C GLU A 258 33.13 -10.92 -3.33
N GLU A 259 33.24 -12.13 -2.73
CA GLU A 259 34.23 -13.16 -3.09
C GLU A 259 34.00 -13.65 -4.52
N PHE A 260 32.73 -13.94 -4.89
CA PHE A 260 32.31 -14.37 -6.23
C PHE A 260 32.78 -13.34 -7.27
N CYS A 261 32.60 -12.04 -6.95
CA CYS A 261 32.97 -10.89 -7.78
C CYS A 261 34.49 -10.80 -7.94
N ARG A 262 35.23 -10.97 -6.83
CA ARG A 262 36.70 -10.94 -6.84
C ARG A 262 37.27 -12.11 -7.68
N ARG A 263 36.64 -13.31 -7.62
CA ARG A 263 37.03 -14.49 -8.40
C ARG A 263 36.80 -14.27 -9.90
N LEU A 264 35.68 -13.60 -10.26
CA LEU A 264 35.30 -13.27 -11.65
C LEU A 264 36.36 -12.36 -12.30
N LYS A 265 36.77 -11.31 -11.56
CA LYS A 265 37.79 -10.32 -11.93
C LYS A 265 39.15 -11.03 -12.07
N GLU A 266 39.39 -12.04 -11.21
CA GLU A 266 40.60 -12.85 -11.19
C GLU A 266 40.68 -13.90 -12.31
N GLY A 267 39.60 -14.07 -13.09
CA GLY A 267 39.58 -14.97 -14.23
C GLY A 267 38.95 -16.33 -14.04
N THR A 268 38.23 -16.54 -12.92
CA THR A 268 37.53 -17.79 -12.62
C THR A 268 36.31 -17.86 -13.55
N ARG A 269 36.08 -19.05 -14.15
CA ARG A 269 34.98 -19.27 -15.07
C ARG A 269 34.23 -20.56 -14.74
N MET A 270 32.99 -20.67 -15.24
CA MET A 270 32.15 -21.84 -15.08
C MET A 270 32.71 -22.99 -15.89
N ARG A 271 32.58 -24.21 -15.34
CA ARG A 271 33.03 -25.43 -16.00
C ARG A 271 32.02 -25.77 -17.10
N ALA A 272 32.45 -26.57 -18.10
CA ALA A 272 31.60 -26.97 -19.23
C ALA A 272 30.29 -27.62 -18.78
N PRO A 273 29.12 -27.21 -19.32
CA PRO A 273 27.86 -27.85 -18.91
C PRO A 273 27.73 -29.27 -19.49
N ASP A 274 26.80 -30.07 -18.95
CA ASP A 274 26.60 -31.48 -19.29
C ASP A 274 26.25 -31.79 -20.77
N TYR A 275 25.62 -30.86 -21.50
CA TYR A 275 25.16 -31.12 -22.86
C TYR A 275 25.90 -30.30 -23.94
N THR A 276 27.05 -29.70 -23.59
CA THR A 276 27.84 -28.91 -24.52
C THR A 276 28.74 -29.74 -25.46
N THR A 277 29.13 -29.13 -26.60
CA THR A 277 30.09 -29.66 -27.56
C THR A 277 31.41 -28.94 -27.22
N PRO A 278 32.61 -29.45 -27.62
CA PRO A 278 33.85 -28.73 -27.26
C PRO A 278 33.92 -27.30 -27.80
N GLU A 279 33.43 -27.08 -29.04
CA GLU A 279 33.40 -25.78 -29.74
C GLU A 279 32.46 -24.79 -29.06
N MET A 280 31.32 -25.29 -28.59
CA MET A 280 30.31 -24.48 -27.91
C MET A 280 30.84 -23.95 -26.58
N TYR A 281 31.59 -24.78 -25.83
CA TYR A 281 32.20 -24.36 -24.56
C TYR A 281 33.30 -23.32 -24.78
N GLN A 282 34.04 -23.42 -25.91
CA GLN A 282 35.07 -22.44 -26.26
C GLN A 282 34.42 -21.10 -26.59
N THR A 283 33.25 -21.11 -27.28
CA THR A 283 32.44 -19.93 -27.64
C THR A 283 32.02 -19.19 -26.36
N MET A 284 31.64 -19.94 -25.30
CA MET A 284 31.28 -19.39 -23.98
C MET A 284 32.50 -18.69 -23.39
N LEU A 285 33.69 -19.36 -23.45
CA LEU A 285 34.96 -18.84 -22.95
C LEU A 285 35.44 -17.58 -23.68
N ASP A 286 35.13 -17.46 -24.98
CA ASP A 286 35.45 -16.29 -25.82
C ASP A 286 34.55 -15.12 -25.41
N CYS A 287 33.26 -15.42 -25.10
CA CYS A 287 32.26 -14.45 -24.63
C CYS A 287 32.64 -13.97 -23.23
N TRP A 288 33.32 -14.80 -22.45
CA TRP A 288 33.74 -14.48 -21.09
C TRP A 288 35.15 -13.92 -20.97
N HIS A 289 35.68 -13.34 -22.06
CA HIS A 289 36.99 -12.70 -22.05
C HIS A 289 36.93 -11.47 -21.14
N GLY A 290 37.93 -11.32 -20.27
CA GLY A 290 38.02 -10.20 -19.33
C GLY A 290 37.96 -8.84 -19.98
N GLU A 291 38.61 -8.69 -21.15
CA GLU A 291 38.64 -7.45 -21.93
C GLU A 291 37.45 -7.42 -22.88
N PRO A 292 36.53 -6.43 -22.73
CA PRO A 292 35.34 -6.36 -23.61
C PRO A 292 35.60 -6.34 -25.11
N SER A 293 36.69 -5.67 -25.53
CA SER A 293 37.11 -5.53 -26.93
C SER A 293 37.61 -6.86 -27.51
N GLN A 294 38.07 -7.78 -26.65
CA GLN A 294 38.58 -9.09 -27.05
C GLN A 294 37.48 -10.16 -27.16
N ARG A 295 36.25 -9.82 -26.77
CA ARG A 295 35.09 -10.70 -26.87
C ARG A 295 34.57 -10.64 -28.31
N PRO A 296 33.96 -11.72 -28.87
CA PRO A 296 33.43 -11.62 -30.24
C PRO A 296 32.23 -10.68 -30.33
N THR A 297 31.91 -10.18 -31.53
CA THR A 297 30.74 -9.33 -31.72
C THR A 297 29.56 -10.26 -31.99
N PHE A 298 28.31 -9.77 -31.88
CA PHE A 298 27.14 -10.60 -32.18
C PHE A 298 27.12 -11.05 -33.64
N SER A 299 27.68 -10.22 -34.58
CA SER A 299 27.80 -10.55 -36.00
C SER A 299 28.74 -11.75 -36.21
N GLU A 300 29.86 -11.80 -35.44
CA GLU A 300 30.82 -12.89 -35.46
C GLU A 300 30.17 -14.16 -34.93
N LEU A 301 29.36 -14.04 -33.86
CA LEU A 301 28.65 -15.17 -33.24
C LEU A 301 27.57 -15.72 -34.19
N VAL A 302 26.91 -14.87 -34.99
CA VAL A 302 25.89 -15.28 -35.98
C VAL A 302 26.54 -16.21 -37.02
N GLU A 303 27.71 -15.79 -37.55
CA GLU A 303 28.48 -16.55 -38.53
C GLU A 303 29.01 -17.85 -37.91
N HIS A 304 29.60 -17.75 -36.69
CA HIS A 304 30.16 -18.89 -35.97
C HIS A 304 29.11 -19.96 -35.68
N LEU A 305 27.97 -19.57 -35.08
CA LEU A 305 26.87 -20.48 -34.73
C LEU A 305 26.16 -21.05 -35.96
N GLY A 306 26.10 -20.26 -37.05
CA GLY A 306 25.52 -20.67 -38.32
C GLY A 306 26.28 -21.82 -38.95
N ASN A 307 27.64 -21.79 -38.84
CA ASN A 307 28.55 -22.83 -39.34
C ASN A 307 28.51 -24.11 -38.49
N LEU A 308 28.35 -23.96 -37.15
CA LEU A 308 28.25 -25.09 -36.21
C LEU A 308 26.98 -25.87 -36.45
N LEU A 309 25.91 -25.18 -36.89
CA LEU A 309 24.61 -25.75 -37.19
C LEU A 309 24.72 -26.68 -38.42
N GLN A 310 25.55 -26.26 -39.41
CA GLN A 310 25.85 -27.01 -40.64
C GLN A 310 26.69 -28.24 -40.29
N ALA A 311 27.77 -28.02 -39.49
CA ALA A 311 28.71 -29.04 -39.00
C ALA A 311 28.04 -30.12 -38.13
N ASN A 312 26.90 -29.79 -37.49
CA ASN A 312 26.17 -30.74 -36.66
C ASN A 312 25.36 -31.72 -37.52
N ALA A 313 25.05 -31.32 -38.78
CA ALA A 313 24.31 -32.15 -39.74
C ALA A 313 25.25 -33.07 -40.52
N LEU B 15 -34.44 25.82 19.10
CA LEU B 15 -34.02 27.17 19.49
C LEU B 15 -34.69 27.69 20.79
N PRO B 16 -36.04 27.66 20.99
CA PRO B 16 -36.59 28.15 22.27
C PRO B 16 -36.41 27.18 23.44
N TYR B 17 -36.27 27.71 24.67
CA TYR B 17 -36.09 26.89 25.88
C TYR B 17 -37.43 26.45 26.50
N ASP B 18 -37.62 25.12 26.65
CA ASP B 18 -38.80 24.49 27.24
C ASP B 18 -38.56 24.34 28.74
N ALA B 19 -39.16 25.23 29.53
CA ALA B 19 -39.03 25.25 30.99
C ALA B 19 -39.71 24.06 31.67
N SER B 20 -40.97 23.77 31.29
CA SER B 20 -41.80 22.68 31.83
C SER B 20 -41.11 21.32 31.78
N LYS B 21 -40.21 21.14 30.79
CA LYS B 21 -39.45 19.93 30.52
C LYS B 21 -38.07 19.89 31.20
N TRP B 22 -37.33 21.03 31.22
CA TRP B 22 -35.95 21.06 31.71
C TRP B 22 -35.65 21.84 33.00
N GLU B 23 -36.55 22.70 33.50
CA GLU B 23 -36.26 23.46 34.72
C GLU B 23 -36.27 22.58 35.97
N PHE B 24 -35.21 22.70 36.79
CA PHE B 24 -35.04 21.95 38.04
C PHE B 24 -34.80 22.89 39.22
N PRO B 25 -35.46 22.67 40.38
CA PRO B 25 -35.26 23.57 41.53
C PRO B 25 -33.91 23.43 42.22
N ARG B 26 -33.21 24.57 42.43
CA ARG B 26 -31.88 24.63 43.06
C ARG B 26 -31.84 24.03 44.46
N ASP B 27 -32.95 24.14 45.22
CA ASP B 27 -33.13 23.62 46.59
C ASP B 27 -33.14 22.09 46.62
N ARG B 28 -33.55 21.43 45.51
CA ARG B 28 -33.60 19.97 45.35
C ARG B 28 -32.25 19.42 44.82
N LEU B 29 -31.17 20.22 44.94
CA LEU B 29 -29.83 19.87 44.50
C LEU B 29 -28.87 20.03 45.69
N LYS B 30 -27.98 19.07 45.89
CA LYS B 30 -26.98 19.11 46.95
C LYS B 30 -25.58 18.99 46.34
N LEU B 31 -24.90 20.13 46.18
CA LEU B 31 -23.56 20.19 45.58
C LEU B 31 -22.50 19.50 46.44
N GLY B 32 -21.50 18.92 45.78
CA GLY B 32 -20.43 18.22 46.46
C GLY B 32 -19.05 18.37 45.84
N LYS B 33 -18.38 17.23 45.67
CA LYS B 33 -17.02 17.06 45.16
C LYS B 33 -16.80 17.61 43.73
N PRO B 34 -15.75 18.43 43.51
CA PRO B 34 -15.46 18.92 42.16
C PRO B 34 -14.89 17.81 41.26
N LEU B 35 -15.05 17.97 39.93
CA LEU B 35 -14.61 17.01 38.93
C LEU B 35 -13.68 17.64 37.88
N GLY B 36 -13.88 18.93 37.61
CA GLY B 36 -13.10 19.71 36.66
C GLY B 36 -13.25 21.20 36.86
N GLY B 41 -17.50 28.35 36.41
CA GLY B 41 -16.54 27.75 35.48
C GLY B 41 -15.98 26.43 35.98
N GLN B 42 -16.80 25.66 36.70
CA GLN B 42 -16.41 24.34 37.23
C GLN B 42 -17.49 23.26 37.07
N VAL B 43 -17.05 21.98 37.02
CA VAL B 43 -17.90 20.79 36.93
C VAL B 43 -17.89 20.18 38.34
N ILE B 44 -19.09 20.07 38.96
CA ILE B 44 -19.31 19.58 40.33
C ILE B 44 -20.23 18.36 40.41
N GLU B 45 -19.89 17.38 41.28
CA GLU B 45 -20.72 16.20 41.54
C GLU B 45 -21.82 16.65 42.53
N ALA B 46 -23.08 16.25 42.28
CA ALA B 46 -24.20 16.63 43.16
C ALA B 46 -25.28 15.55 43.21
N ASP B 47 -26.19 15.63 44.21
CA ASP B 47 -27.32 14.72 44.37
C ASP B 47 -28.59 15.48 44.03
N ALA B 48 -29.32 15.00 43.00
CA ALA B 48 -30.56 15.60 42.54
C ALA B 48 -31.73 14.75 43.02
N PHE B 49 -32.60 15.35 43.83
CA PHE B 49 -33.76 14.68 44.41
C PHE B 49 -35.01 14.84 43.53
N GLY B 50 -35.40 13.72 42.92
CA GLY B 50 -36.56 13.62 42.03
C GLY B 50 -36.41 14.31 40.69
N ILE B 51 -35.24 14.14 40.04
CA ILE B 51 -34.94 14.73 38.73
C ILE B 51 -35.56 13.92 37.56
N ASP B 52 -35.91 12.64 37.79
CA ASP B 52 -36.50 11.77 36.78
C ASP B 52 -37.84 11.17 37.24
N LYS B 53 -38.47 10.38 36.39
CA LYS B 53 -39.75 9.73 36.66
C LYS B 53 -39.69 8.60 37.71
N THR B 54 -38.48 8.23 38.18
CA THR B 54 -38.31 7.20 39.22
C THR B 54 -38.52 7.79 40.62
N ALA B 55 -38.36 9.13 40.73
CA ALA B 55 -38.49 9.95 41.94
C ALA B 55 -37.45 9.60 43.05
N THR B 56 -36.34 8.96 42.65
CA THR B 56 -35.26 8.58 43.56
C THR B 56 -34.14 9.61 43.54
N CYS B 57 -33.19 9.52 44.50
CA CYS B 57 -32.03 10.39 44.55
C CYS B 57 -31.06 9.91 43.48
N ARG B 58 -30.62 10.83 42.63
CA ARG B 58 -29.71 10.50 41.54
C ARG B 58 -28.46 11.36 41.63
N THR B 59 -27.28 10.74 41.42
CA THR B 59 -26.01 11.47 41.40
C THR B 59 -25.88 12.06 40.00
N VAL B 60 -25.59 13.36 39.94
CA VAL B 60 -25.50 14.14 38.70
C VAL B 60 -24.20 14.96 38.59
N ALA B 61 -23.87 15.37 37.36
CA ALA B 61 -22.72 16.25 37.10
C ALA B 61 -23.31 17.62 36.73
N VAL B 62 -22.86 18.66 37.43
CA VAL B 62 -23.37 20.02 37.25
C VAL B 62 -22.30 20.97 36.74
N LYS B 63 -22.58 21.68 35.64
CA LYS B 63 -21.69 22.69 35.11
C LYS B 63 -22.26 24.03 35.57
N MET B 64 -21.51 24.72 36.42
CA MET B 64 -21.90 25.98 37.02
C MET B 64 -21.13 27.19 36.51
N LEU B 65 -21.56 28.36 36.97
CA LEU B 65 -21.00 29.65 36.62
C LEU B 65 -20.51 30.38 37.85
N LYS B 66 -19.27 30.94 37.78
CA LYS B 66 -18.64 31.71 38.86
C LYS B 66 -19.50 32.93 39.24
N GLU B 67 -19.34 33.45 40.46
CA GLU B 67 -20.07 34.65 40.91
C GLU B 67 -19.62 35.88 40.10
N GLY B 68 -20.57 36.67 39.60
CA GLY B 68 -20.29 37.85 38.78
C GLY B 68 -19.50 37.53 37.52
N ALA B 69 -20.06 36.63 36.72
CA ALA B 69 -19.57 36.08 35.47
C ALA B 69 -19.85 37.01 34.28
N THR B 70 -19.06 36.85 33.20
CA THR B 70 -19.16 37.60 31.93
C THR B 70 -20.46 37.22 31.24
N HIS B 71 -21.05 38.17 30.48
CA HIS B 71 -22.26 37.93 29.69
C HIS B 71 -21.95 36.94 28.57
N SER B 72 -20.69 36.96 28.08
CA SER B 72 -20.17 36.03 27.07
C SER B 72 -20.08 34.60 27.63
N GLU B 73 -19.75 34.48 28.95
CA GLU B 73 -19.66 33.20 29.66
C GLU B 73 -21.05 32.60 29.85
N HIS B 74 -22.05 33.46 30.20
CA HIS B 74 -23.45 33.08 30.39
C HIS B 74 -24.05 32.61 29.07
N ARG B 75 -23.68 33.28 27.94
CA ARG B 75 -24.14 32.91 26.59
C ARG B 75 -23.58 31.55 26.22
N ALA B 76 -22.30 31.29 26.55
CA ALA B 76 -21.60 30.04 26.27
C ALA B 76 -22.27 28.83 26.98
N LEU B 77 -22.59 28.97 28.28
CA LEU B 77 -23.26 27.91 29.05
C LEU B 77 -24.70 27.71 28.58
N MET B 78 -25.39 28.79 28.16
CA MET B 78 -26.75 28.75 27.65
C MET B 78 -26.77 28.07 26.26
N SER B 79 -25.71 28.31 25.44
CA SER B 79 -25.54 27.69 24.13
C SER B 79 -25.36 26.19 24.31
N GLU B 80 -24.49 25.80 25.28
CA GLU B 80 -24.21 24.41 25.63
C GLU B 80 -25.50 23.68 26.01
N LEU B 81 -26.37 24.34 26.80
CA LEU B 81 -27.68 23.82 27.21
C LEU B 81 -28.58 23.60 25.99
N LYS B 82 -28.57 24.55 25.04
CA LYS B 82 -29.37 24.49 23.80
C LYS B 82 -28.88 23.35 22.91
N ILE B 83 -27.55 23.19 22.80
CA ILE B 83 -26.90 22.12 22.01
C ILE B 83 -27.28 20.75 22.60
N LEU B 84 -27.29 20.64 23.95
CA LEU B 84 -27.66 19.40 24.65
C LEU B 84 -29.14 19.05 24.51
N ILE B 85 -30.03 20.07 24.46
CA ILE B 85 -31.47 19.89 24.25
C ILE B 85 -31.68 19.35 22.82
N HIS B 86 -30.91 19.91 21.86
CA HIS B 86 -30.93 19.52 20.44
C HIS B 86 -30.43 18.09 20.21
N ILE B 87 -29.30 17.69 20.87
CA ILE B 87 -28.71 16.35 20.75
C ILE B 87 -29.73 15.25 21.08
N GLY B 88 -30.35 15.34 22.25
CA GLY B 88 -31.32 14.37 22.72
C GLY B 88 -30.65 13.21 23.44
N HIS B 89 -31.37 12.08 23.58
CA HIS B 89 -30.83 10.93 24.27
C HIS B 89 -30.22 9.88 23.34
N HIS B 90 -29.05 9.38 23.74
CA HIS B 90 -28.29 8.28 23.15
C HIS B 90 -27.45 7.67 24.27
N LEU B 91 -27.33 6.32 24.27
CA LEU B 91 -26.61 5.56 25.28
C LEU B 91 -25.11 5.88 25.41
N ASN B 92 -24.47 6.31 24.30
CA ASN B 92 -23.04 6.62 24.28
C ASN B 92 -22.71 8.12 24.25
N VAL B 93 -23.66 8.94 24.68
CA VAL B 93 -23.54 10.40 24.79
C VAL B 93 -24.11 10.76 26.17
N VAL B 94 -23.46 11.68 26.92
CA VAL B 94 -23.95 12.12 28.22
C VAL B 94 -25.35 12.72 28.07
N ASN B 95 -26.28 12.29 28.92
CA ASN B 95 -27.68 12.72 28.85
C ASN B 95 -28.03 13.89 29.76
N LEU B 96 -28.67 14.90 29.17
CA LEU B 96 -29.15 16.10 29.88
C LEU B 96 -30.35 15.72 30.73
N LEU B 97 -30.33 16.11 32.01
CA LEU B 97 -31.42 15.80 32.94
C LEU B 97 -32.22 17.02 33.37
N GLY B 98 -31.57 18.18 33.35
CA GLY B 98 -32.20 19.43 33.74
C GLY B 98 -31.30 20.64 33.65
N ALA B 99 -31.82 21.78 34.15
CA ALA B 99 -31.14 23.08 34.17
C ALA B 99 -31.76 24.00 35.20
N CYS B 100 -30.94 24.93 35.71
CA CYS B 100 -31.32 25.97 36.66
C CYS B 100 -31.03 27.30 35.94
N THR B 101 -32.05 27.83 35.25
CA THR B 101 -31.97 29.05 34.43
C THR B 101 -32.73 30.23 35.07
N LYS B 102 -33.78 29.92 35.86
CA LYS B 102 -34.63 30.89 36.56
C LYS B 102 -33.81 31.74 37.56
N PRO B 103 -34.18 33.02 37.81
CA PRO B 103 -33.40 33.83 38.78
C PRO B 103 -33.46 33.30 40.22
N GLY B 104 -32.49 33.71 41.03
CA GLY B 104 -32.38 33.28 42.43
C GLY B 104 -31.09 32.58 42.75
N GLY B 105 -30.32 32.26 41.72
CA GLY B 105 -29.03 31.58 41.83
C GLY B 105 -28.24 31.58 40.53
N PRO B 106 -27.10 30.86 40.47
CA PRO B 106 -26.33 30.84 39.21
C PRO B 106 -26.90 29.89 38.17
N LEU B 107 -26.44 30.02 36.91
CA LEU B 107 -26.84 29.18 35.78
C LEU B 107 -26.16 27.82 35.93
N MET B 108 -26.98 26.75 35.93
CA MET B 108 -26.53 25.37 36.10
C MET B 108 -27.06 24.49 34.96
N VAL B 109 -26.20 23.58 34.45
CA VAL B 109 -26.53 22.61 33.41
C VAL B 109 -26.29 21.22 34.00
N ILE B 110 -27.37 20.45 34.19
CA ILE B 110 -27.38 19.13 34.84
C ILE B 110 -27.40 17.97 33.83
N VAL B 111 -26.39 17.08 33.92
CA VAL B 111 -26.26 15.87 33.10
C VAL B 111 -26.11 14.62 33.98
N GLU B 112 -26.23 13.42 33.37
CA GLU B 112 -26.05 12.15 34.08
C GLU B 112 -24.59 12.00 34.52
N PHE B 113 -24.34 11.49 35.74
CA PHE B 113 -22.99 11.33 36.26
C PHE B 113 -22.35 10.02 35.78
N CYS B 114 -21.04 10.06 35.54
CA CYS B 114 -20.24 8.91 35.09
C CYS B 114 -19.18 8.66 36.19
N LYS B 115 -19.53 7.74 37.09
CA LYS B 115 -18.80 7.34 38.30
C LYS B 115 -17.32 6.96 38.11
N PHE B 116 -16.98 6.27 37.02
CA PHE B 116 -15.63 5.75 36.82
C PHE B 116 -14.64 6.69 36.14
N GLY B 117 -15.07 7.91 35.81
CA GLY B 117 -14.21 8.93 35.21
C GLY B 117 -13.82 8.66 33.77
N ASN B 118 -12.80 9.39 33.29
CA ASN B 118 -12.33 9.31 31.91
C ASN B 118 -11.62 7.99 31.59
N LEU B 119 -11.75 7.56 30.33
CA LEU B 119 -11.19 6.32 29.79
C LEU B 119 -9.67 6.25 29.85
N SER B 120 -8.97 7.37 29.59
CA SER B 120 -7.50 7.44 29.64
C SER B 120 -6.96 7.03 31.03
N THR B 121 -7.48 7.66 32.10
CA THR B 121 -7.14 7.38 33.49
C THR B 121 -7.50 5.94 33.89
N TYR B 122 -8.65 5.44 33.40
CA TYR B 122 -9.11 4.07 33.67
C TYR B 122 -8.22 3.00 33.03
N LEU B 123 -7.87 3.17 31.74
CA LEU B 123 -7.04 2.23 31.01
C LEU B 123 -5.62 2.13 31.55
N ARG B 124 -5.09 3.26 32.09
CA ARG B 124 -3.76 3.36 32.70
C ARG B 124 -3.70 2.53 33.97
N SER B 125 -4.81 2.48 34.72
CA SER B 125 -4.95 1.73 35.98
C SER B 125 -5.18 0.24 35.77
N LYS B 126 -5.34 -0.19 34.50
CA LYS B 126 -5.63 -1.57 34.18
C LYS B 126 -4.55 -2.26 33.35
N ARG B 127 -3.38 -1.60 33.15
CA ARG B 127 -2.22 -2.12 32.40
C ARG B 127 -1.69 -3.43 32.96
N ASN B 128 -1.66 -3.55 34.30
CA ASN B 128 -1.24 -4.76 35.00
C ASN B 128 -2.39 -5.79 35.08
N GLU B 129 -3.63 -5.38 34.78
CA GLU B 129 -4.81 -6.26 34.81
C GLU B 129 -5.33 -6.46 33.37
N PHE B 130 -4.40 -6.51 32.39
CA PHE B 130 -4.74 -6.65 30.98
C PHE B 130 -4.32 -7.99 30.40
N VAL B 131 -5.22 -8.60 29.62
CA VAL B 131 -5.06 -9.89 28.95
C VAL B 131 -5.38 -9.72 27.44
N PRO B 132 -4.42 -10.00 26.55
CA PRO B 132 -4.68 -9.81 25.10
C PRO B 132 -5.51 -10.90 24.41
N TYR B 133 -6.07 -11.85 25.18
CA TYR B 133 -6.88 -12.94 24.63
C TYR B 133 -8.27 -13.03 25.26
N LYS B 134 -9.24 -13.65 24.55
CA LYS B 134 -10.65 -13.79 24.92
C LYS B 134 -10.88 -14.40 26.31
N ASP B 143 -11.41 -9.56 37.83
CA ASP B 143 -11.88 -8.44 37.01
C ASP B 143 -10.75 -7.97 36.07
N PHE B 144 -10.64 -8.61 34.90
CA PHE B 144 -9.60 -8.27 33.92
C PHE B 144 -10.16 -7.48 32.74
N LEU B 145 -9.29 -6.65 32.15
CA LEU B 145 -9.57 -5.85 30.96
C LEU B 145 -8.99 -6.65 29.80
N THR B 146 -9.76 -6.78 28.71
CA THR B 146 -9.31 -7.54 27.54
C THR B 146 -9.32 -6.71 26.27
N LEU B 147 -8.81 -7.29 25.17
CA LEU B 147 -8.80 -6.71 23.83
C LEU B 147 -10.25 -6.42 23.35
N GLU B 148 -11.21 -7.32 23.65
CA GLU B 148 -12.64 -7.21 23.34
C GLU B 148 -13.27 -5.94 23.96
N HIS B 149 -12.88 -5.59 25.21
CA HIS B 149 -13.32 -4.39 25.91
C HIS B 149 -12.87 -3.15 25.14
N LEU B 150 -11.61 -3.15 24.65
CA LEU B 150 -11.01 -2.05 23.87
C LEU B 150 -11.72 -1.83 22.54
N ILE B 151 -12.06 -2.93 21.82
CA ILE B 151 -12.80 -2.86 20.56
C ILE B 151 -14.24 -2.38 20.85
N CYS B 152 -14.83 -2.88 21.97
CA CYS B 152 -16.18 -2.48 22.40
C CYS B 152 -16.25 -0.99 22.74
N TYR B 153 -15.25 -0.46 23.49
CA TYR B 153 -15.17 0.96 23.86
C TYR B 153 -15.08 1.82 22.59
N SER B 154 -14.23 1.40 21.62
CA SER B 154 -14.02 2.04 20.33
C SER B 154 -15.33 2.11 19.54
N PHE B 155 -16.05 0.98 19.50
CA PHE B 155 -17.34 0.79 18.84
C PHE B 155 -18.41 1.74 19.43
N GLN B 156 -18.46 1.83 20.76
CA GLN B 156 -19.40 2.68 21.49
C GLN B 156 -19.18 4.17 21.19
N VAL B 157 -17.91 4.60 21.12
CA VAL B 157 -17.54 5.98 20.81
C VAL B 157 -17.96 6.30 19.36
N ALA B 158 -17.69 5.38 18.41
CA ALA B 158 -18.08 5.51 16.99
C ALA B 158 -19.59 5.66 16.85
N LYS B 159 -20.38 4.93 17.68
CA LYS B 159 -21.85 4.99 17.69
C LYS B 159 -22.36 6.35 18.17
N GLY B 160 -21.77 6.85 19.27
CA GLY B 160 -22.10 8.14 19.85
C GLY B 160 -21.76 9.29 18.93
N MET B 161 -20.61 9.17 18.21
CA MET B 161 -20.15 10.15 17.24
C MET B 161 -21.02 10.12 15.97
N GLU B 162 -21.49 8.92 15.57
CA GLU B 162 -22.40 8.74 14.43
C GLU B 162 -23.74 9.45 14.77
N PHE B 163 -24.19 9.35 16.05
CA PHE B 163 -25.40 10.01 16.52
C PHE B 163 -25.25 11.53 16.53
N LEU B 164 -24.10 12.06 17.00
CA LEU B 164 -23.80 13.49 17.02
C LEU B 164 -23.77 14.07 15.60
N ALA B 165 -23.25 13.30 14.62
CA ALA B 165 -23.20 13.66 13.21
C ALA B 165 -24.62 13.74 12.62
N SER B 166 -25.51 12.80 13.02
CA SER B 166 -26.91 12.75 12.59
C SER B 166 -27.72 13.93 13.14
N ARG B 167 -27.25 14.55 14.24
CA ARG B 167 -27.87 15.72 14.88
C ARG B 167 -27.15 17.00 14.38
N LYS B 168 -26.27 16.84 13.38
CA LYS B 168 -25.46 17.88 12.74
C LYS B 168 -24.62 18.66 13.78
N CYS B 169 -23.92 17.91 14.63
CA CYS B 169 -23.04 18.44 15.67
C CYS B 169 -21.61 17.99 15.45
N ILE B 170 -20.65 18.85 15.81
CA ILE B 170 -19.20 18.60 15.73
C ILE B 170 -18.69 18.73 17.17
N HIS B 171 -17.94 17.73 17.65
CA HIS B 171 -17.43 17.71 19.02
C HIS B 171 -16.42 18.83 19.35
N ARG B 172 -15.36 19.01 18.52
CA ARG B 172 -14.28 20.02 18.68
C ARG B 172 -13.14 19.55 19.61
N ASP B 173 -13.42 18.63 20.56
CA ASP B 173 -12.41 18.11 21.49
C ASP B 173 -12.60 16.62 21.78
N LEU B 174 -12.55 15.79 20.72
CA LEU B 174 -12.69 14.35 20.85
C LEU B 174 -11.34 13.72 21.24
N ALA B 175 -11.24 13.34 22.52
CA ALA B 175 -10.06 12.76 23.18
C ALA B 175 -10.53 11.86 24.33
N ALA B 176 -9.66 10.92 24.77
CA ALA B 176 -9.95 9.98 25.86
C ALA B 176 -10.37 10.64 27.17
N ARG B 177 -9.85 11.85 27.46
CA ARG B 177 -10.22 12.68 28.62
C ARG B 177 -11.71 13.11 28.57
N ASN B 178 -12.31 13.09 27.36
CA ASN B 178 -13.72 13.45 27.16
C ASN B 178 -14.61 12.22 26.95
N ILE B 179 -14.04 11.01 27.08
CA ILE B 179 -14.77 9.74 27.01
C ILE B 179 -14.87 9.26 28.46
N LEU B 180 -16.10 9.22 29.00
CA LEU B 180 -16.36 8.80 30.38
C LEU B 180 -16.92 7.42 30.47
N LEU B 181 -16.56 6.72 31.55
CA LEU B 181 -16.97 5.36 31.79
C LEU B 181 -18.03 5.28 32.88
N SER B 182 -19.13 4.59 32.55
CA SER B 182 -20.25 4.30 33.44
C SER B 182 -20.26 2.80 33.76
N GLU B 183 -21.30 2.35 34.48
CA GLU B 183 -21.50 0.94 34.86
C GLU B 183 -21.83 0.10 33.62
N LYS B 184 -21.52 -1.22 33.67
CA LYS B 184 -21.78 -2.24 32.65
C LYS B 184 -20.94 -1.97 31.34
N ASN B 185 -19.66 -1.55 31.53
CA ASN B 185 -18.71 -1.24 30.44
C ASN B 185 -19.32 -0.32 29.37
N VAL B 186 -20.08 0.67 29.83
CA VAL B 186 -20.72 1.65 28.96
C VAL B 186 -19.90 2.94 28.95
N VAL B 187 -19.55 3.42 27.76
CA VAL B 187 -18.82 4.67 27.60
C VAL B 187 -19.74 5.75 27.04
N LYS B 188 -19.55 6.98 27.53
CA LYS B 188 -20.35 8.13 27.11
C LYS B 188 -19.47 9.29 26.73
N ILE B 189 -19.73 9.88 25.56
CA ILE B 189 -19.03 11.06 25.06
C ILE B 189 -19.56 12.27 25.84
N CYS B 190 -18.63 13.10 26.32
CA CYS B 190 -18.92 14.30 27.09
C CYS B 190 -17.99 15.43 26.62
N ASP B 191 -18.13 16.61 27.24
CA ASP B 191 -17.26 17.75 26.98
C ASP B 191 -17.14 18.57 28.25
N PHE B 192 -15.94 18.57 28.85
CA PHE B 192 -15.64 19.31 30.06
C PHE B 192 -15.59 20.83 29.83
N GLY B 193 -15.06 21.24 28.68
CA GLY B 193 -14.95 22.63 28.29
C GLY B 193 -16.29 23.23 27.87
N LEU B 212 -4.42 24.88 23.56
CA LEU B 212 -5.03 24.26 22.39
C LEU B 212 -4.63 22.77 22.24
N PRO B 213 -5.57 21.83 21.94
CA PRO B 213 -5.21 20.41 21.90
C PRO B 213 -4.68 19.94 20.55
N LEU B 214 -3.49 20.44 20.18
CA LEU B 214 -2.80 20.20 18.91
C LEU B 214 -2.61 18.72 18.50
N LYS B 215 -2.38 17.82 19.47
CA LYS B 215 -2.17 16.39 19.23
C LYS B 215 -3.37 15.67 18.64
N TRP B 216 -4.59 16.14 18.96
CA TRP B 216 -5.86 15.56 18.52
C TRP B 216 -6.42 16.28 17.29
N MET B 217 -5.84 17.44 16.94
CA MET B 217 -6.26 18.30 15.85
C MET B 217 -5.83 17.82 14.46
N ALA B 218 -6.78 17.84 13.52
CA ALA B 218 -6.58 17.49 12.11
C ALA B 218 -5.75 18.58 11.42
N PRO B 219 -5.00 18.26 10.32
CA PRO B 219 -4.19 19.31 9.66
C PRO B 219 -4.97 20.53 9.18
N GLU B 220 -6.20 20.33 8.65
CA GLU B 220 -7.06 21.43 8.17
C GLU B 220 -7.57 22.31 9.33
N THR B 221 -7.56 21.78 10.55
CA THR B 221 -7.98 22.49 11.75
C THR B 221 -6.82 23.36 12.27
N ILE B 222 -5.58 22.85 12.16
CA ILE B 222 -4.38 23.56 12.57
C ILE B 222 -4.04 24.68 11.57
N PHE B 223 -3.94 24.33 10.27
CA PHE B 223 -3.53 25.22 9.18
C PHE B 223 -4.64 26.12 8.58
N ASP B 224 -5.90 25.66 8.58
CA ASP B 224 -7.01 26.45 8.02
C ASP B 224 -8.12 26.82 9.02
N ARG B 225 -8.04 26.30 10.27
CA ARG B 225 -9.01 26.50 11.38
C ARG B 225 -10.45 26.03 11.02
N VAL B 226 -10.54 25.07 10.07
CA VAL B 226 -11.81 24.48 9.62
C VAL B 226 -12.15 23.28 10.50
N TYR B 227 -13.33 23.33 11.12
CA TYR B 227 -13.86 22.31 12.02
C TYR B 227 -15.04 21.62 11.33
N THR B 228 -14.87 20.34 10.97
CA THR B 228 -15.92 19.53 10.32
C THR B 228 -16.06 18.18 11.05
N ILE B 229 -17.03 17.35 10.65
CA ILE B 229 -17.20 16.02 11.23
C ILE B 229 -16.03 15.09 10.79
N GLN B 230 -15.38 15.45 9.67
CA GLN B 230 -14.24 14.71 9.13
C GLN B 230 -12.95 15.01 9.89
N SER B 231 -12.89 16.17 10.58
CA SER B 231 -11.73 16.51 11.41
C SER B 231 -11.85 15.80 12.78
N ASP B 232 -13.08 15.43 13.16
CA ASP B 232 -13.29 14.61 14.34
C ASP B 232 -12.85 13.17 14.07
N VAL B 233 -13.05 12.72 12.84
CA VAL B 233 -12.66 11.36 12.41
C VAL B 233 -11.17 11.20 12.68
N TRP B 234 -10.38 12.26 12.38
CA TRP B 234 -8.94 12.32 12.64
C TRP B 234 -8.71 12.17 14.16
N SER B 235 -9.47 12.94 14.97
CA SER B 235 -9.43 12.92 16.44
C SER B 235 -9.78 11.52 16.97
N PHE B 236 -10.74 10.83 16.34
CA PHE B 236 -11.16 9.47 16.68
C PHE B 236 -10.00 8.48 16.50
N GLY B 237 -9.17 8.71 15.47
CA GLY B 237 -7.99 7.89 15.18
C GLY B 237 -6.95 8.02 16.28
N VAL B 238 -6.79 9.26 16.81
CA VAL B 238 -5.88 9.58 17.92
C VAL B 238 -6.43 8.91 19.18
N LEU B 239 -7.76 8.97 19.37
CA LEU B 239 -8.47 8.34 20.48
C LEU B 239 -8.33 6.80 20.41
N LEU B 240 -8.31 6.21 19.19
CA LEU B 240 -8.09 4.77 19.01
C LEU B 240 -6.69 4.42 19.48
N TRP B 241 -5.71 5.28 19.16
CA TRP B 241 -4.32 5.12 19.57
C TRP B 241 -4.22 5.19 21.10
N GLU B 242 -5.00 6.07 21.75
CA GLU B 242 -5.05 6.23 23.21
C GLU B 242 -5.60 4.98 23.89
N ILE B 243 -6.63 4.36 23.28
CA ILE B 243 -7.29 3.14 23.77
C ILE B 243 -6.35 1.93 23.67
N PHE B 244 -5.68 1.77 22.51
CA PHE B 244 -4.81 0.61 22.25
C PHE B 244 -3.37 0.81 22.73
N SER B 245 -3.11 1.87 23.49
CA SER B 245 -1.81 2.14 24.13
C SER B 245 -2.05 2.09 25.66
N LEU B 246 -3.33 1.86 26.04
CA LEU B 246 -3.89 1.80 27.40
C LEU B 246 -3.65 3.11 28.18
N GLY B 247 -4.11 4.22 27.59
CA GLY B 247 -4.04 5.54 28.19
C GLY B 247 -2.75 6.30 28.06
N ALA B 248 -1.90 5.94 27.09
CA ALA B 248 -0.63 6.65 26.86
C ALA B 248 -0.87 7.98 26.14
N SER B 249 0.04 8.93 26.32
CA SER B 249 -0.01 10.26 25.71
C SER B 249 0.40 10.21 24.21
N PRO B 250 -0.42 10.78 23.28
CA PRO B 250 -0.06 10.72 21.84
C PRO B 250 1.25 11.43 21.49
N TYR B 251 1.93 11.00 20.41
CA TYR B 251 3.22 11.54 19.94
C TYR B 251 4.25 11.58 21.10
N PRO B 252 4.71 10.40 21.59
CA PRO B 252 5.66 10.40 22.73
C PRO B 252 7.03 11.00 22.41
N GLY B 253 7.47 11.90 23.28
CA GLY B 253 8.76 12.59 23.18
C GLY B 253 8.91 13.51 21.99
N VAL B 254 7.81 13.73 21.23
CA VAL B 254 7.78 14.57 20.04
C VAL B 254 7.45 16.00 20.49
N LYS B 255 8.21 16.98 19.98
CA LYS B 255 8.07 18.40 20.29
C LYS B 255 6.86 18.99 19.53
N ILE B 256 5.87 19.54 20.27
CA ILE B 256 4.67 20.15 19.69
C ILE B 256 4.98 21.64 19.47
N ASP B 257 5.67 21.91 18.34
CA ASP B 257 6.11 23.25 17.99
C ASP B 257 5.47 23.71 16.68
N GLU B 258 6.06 24.73 16.02
CA GLU B 258 5.62 25.26 14.72
C GLU B 258 5.97 24.25 13.62
N GLU B 259 7.06 23.47 13.85
CA GLU B 259 7.46 22.35 13.00
C GLU B 259 6.65 21.14 13.52
N PHE B 260 6.86 19.93 12.96
CA PHE B 260 6.07 18.73 13.29
C PHE B 260 4.69 18.81 12.63
N CYS B 261 4.06 19.99 12.68
CA CYS B 261 2.78 20.30 12.06
C CYS B 261 2.96 20.11 10.54
N ARG B 262 4.15 20.52 10.04
CA ARG B 262 4.56 20.39 8.64
C ARG B 262 4.92 18.93 8.33
N ARG B 263 5.41 18.17 9.34
CA ARG B 263 5.75 16.76 9.20
C ARG B 263 4.47 15.94 9.03
N LEU B 264 3.42 16.27 9.82
CA LEU B 264 2.11 15.61 9.75
C LEU B 264 1.44 15.93 8.42
N LYS B 265 1.64 17.17 7.92
CA LYS B 265 1.11 17.63 6.64
C LYS B 265 1.74 16.82 5.49
N GLU B 266 3.06 16.53 5.60
CA GLU B 266 3.79 15.74 4.63
C GLU B 266 3.30 14.29 4.58
N GLY B 267 3.00 13.72 5.75
CA GLY B 267 2.50 12.36 5.89
C GLY B 267 3.08 11.54 7.03
N THR B 268 3.75 12.19 8.00
CA THR B 268 4.32 11.50 9.16
C THR B 268 3.20 11.11 10.13
N ARG B 269 3.20 9.86 10.60
CA ARG B 269 2.17 9.33 11.49
C ARG B 269 2.76 8.62 12.70
N MET B 270 1.93 8.42 13.74
CA MET B 270 2.31 7.69 14.94
C MET B 270 2.48 6.21 14.63
N ARG B 271 3.46 5.58 15.27
CA ARG B 271 3.71 4.15 15.11
C ARG B 271 2.64 3.37 15.88
N ALA B 272 2.43 2.10 15.51
CA ALA B 272 1.42 1.23 16.14
C ALA B 272 1.59 1.14 17.67
N PRO B 273 0.49 1.34 18.46
CA PRO B 273 0.63 1.23 19.92
C PRO B 273 0.85 -0.21 20.37
N ASP B 274 1.30 -0.40 21.63
CA ASP B 274 1.65 -1.71 22.20
C ASP B 274 0.54 -2.77 22.26
N TYR B 275 -0.73 -2.37 22.35
CA TYR B 275 -1.83 -3.33 22.51
C TYR B 275 -2.79 -3.40 21.30
N THR B 276 -2.38 -2.87 20.14
CA THR B 276 -3.19 -2.88 18.91
C THR B 276 -3.17 -4.20 18.15
N THR B 277 -4.20 -4.42 17.31
CA THR B 277 -4.28 -5.54 16.37
C THR B 277 -3.85 -4.94 15.02
N PRO B 278 -3.41 -5.73 14.00
CA PRO B 278 -2.98 -5.10 12.73
C PRO B 278 -4.10 -4.30 12.04
N GLU B 279 -5.34 -4.82 12.11
CA GLU B 279 -6.55 -4.23 11.53
C GLU B 279 -6.87 -2.88 12.19
N MET B 280 -6.77 -2.82 13.54
CA MET B 280 -7.04 -1.63 14.33
C MET B 280 -6.08 -0.49 14.01
N TYR B 281 -4.78 -0.82 13.79
CA TYR B 281 -3.77 0.16 13.41
C TYR B 281 -4.05 0.73 12.01
N GLN B 282 -4.57 -0.11 11.10
CA GLN B 282 -4.93 0.33 9.74
C GLN B 282 -6.11 1.32 9.81
N THR B 283 -7.10 1.06 10.71
CA THR B 283 -8.27 1.91 10.96
C THR B 283 -7.81 3.30 11.42
N MET B 284 -6.75 3.36 12.27
CA MET B 284 -6.15 4.62 12.75
C MET B 284 -5.57 5.36 11.55
N LEU B 285 -4.82 4.63 10.68
CA LEU B 285 -4.18 5.18 9.48
C LEU B 285 -5.19 5.71 8.45
N ASP B 286 -6.38 5.08 8.36
CA ASP B 286 -7.48 5.49 7.47
C ASP B 286 -8.10 6.81 8.01
N CYS B 287 -8.22 6.92 9.36
CA CYS B 287 -8.71 8.10 10.07
C CYS B 287 -7.73 9.25 9.91
N TRP B 288 -6.43 8.93 9.75
CA TRP B 288 -5.37 9.93 9.62
C TRP B 288 -5.01 10.27 8.18
N HIS B 289 -5.94 10.04 7.23
CA HIS B 289 -5.73 10.38 5.83
C HIS B 289 -5.66 11.91 5.71
N GLY B 290 -4.66 12.41 4.96
CA GLY B 290 -4.45 13.84 4.76
C GLY B 290 -5.65 14.59 4.21
N GLU B 291 -6.37 13.94 3.27
CA GLU B 291 -7.58 14.50 2.64
C GLU B 291 -8.81 14.13 3.50
N PRO B 292 -9.53 15.13 4.06
CA PRO B 292 -10.71 14.83 4.90
C PRO B 292 -11.80 13.95 4.26
N SER B 293 -12.02 14.12 2.95
CA SER B 293 -13.02 13.36 2.17
C SER B 293 -12.64 11.89 2.00
N GLN B 294 -11.33 11.57 2.05
CA GLN B 294 -10.84 10.20 1.89
C GLN B 294 -10.84 9.40 3.22
N ARG B 295 -11.10 10.08 4.36
CA ARG B 295 -11.19 9.47 5.69
C ARG B 295 -12.54 8.75 5.79
N PRO B 296 -12.68 7.63 6.55
CA PRO B 296 -14.01 7.00 6.66
C PRO B 296 -15.00 7.86 7.43
N THR B 297 -16.30 7.61 7.26
CA THR B 297 -17.33 8.33 8.01
C THR B 297 -17.54 7.57 9.30
N PHE B 298 -18.20 8.20 10.31
CA PHE B 298 -18.48 7.52 11.56
C PHE B 298 -19.40 6.32 11.37
N SER B 299 -20.31 6.37 10.36
CA SER B 299 -21.21 5.27 9.99
C SER B 299 -20.41 4.06 9.48
N GLU B 300 -19.36 4.31 8.69
CA GLU B 300 -18.46 3.29 8.16
C GLU B 300 -17.67 2.64 9.29
N LEU B 301 -17.22 3.46 10.26
CA LEU B 301 -16.47 3.01 11.44
C LEU B 301 -17.35 2.16 12.37
N VAL B 302 -18.65 2.49 12.49
CA VAL B 302 -19.61 1.73 13.31
C VAL B 302 -19.73 0.30 12.76
N GLU B 303 -19.89 0.17 11.43
CA GLU B 303 -19.99 -1.12 10.72
C GLU B 303 -18.67 -1.87 10.82
N HIS B 304 -17.54 -1.19 10.56
CA HIS B 304 -16.20 -1.78 10.62
C HIS B 304 -15.86 -2.35 12.01
N LEU B 305 -16.03 -1.53 13.07
CA LEU B 305 -15.76 -1.93 14.45
C LEU B 305 -16.72 -2.98 14.98
N GLY B 306 -17.97 -2.93 14.50
CA GLY B 306 -19.02 -3.89 14.84
C GLY B 306 -18.70 -5.29 14.37
N ASN B 307 -18.09 -5.40 13.17
CA ASN B 307 -17.67 -6.67 12.58
C ASN B 307 -16.49 -7.29 13.33
N LEU B 308 -15.72 -6.47 14.06
CA LEU B 308 -14.58 -6.95 14.83
C LEU B 308 -15.00 -7.60 16.15
N LEU B 309 -16.18 -7.24 16.68
CA LEU B 309 -16.67 -7.79 17.94
C LEU B 309 -17.26 -9.18 17.80
N GLN B 310 -16.61 -10.17 18.43
CA GLN B 310 -16.99 -11.57 18.39
C GLN B 310 -18.00 -11.91 19.49
#